data_5NQ7
#
_entry.id   5NQ7
#
_cell.length_a   185.550
_cell.length_b   185.550
_cell.length_c   185.550
_cell.angle_alpha   90.00
_cell.angle_beta   90.00
_cell.angle_gamma   90.00
#
_symmetry.space_group_name_H-M   'P 43 3 2'
#
loop_
_entity.id
_entity.type
_entity.pdbx_description
1 polymer Laccase
2 branched alpha-D-mannopyranose-(1-3)-alpha-D-mannopyranose-(1-6)-[beta-D-mannopyranose-(1-3)]beta-D-mannopyranose-(1-4)-2-acetamido-2-deoxy-beta-D-glucopyranose-(1-4)-2-acetamido-2-deoxy-beta-D-glucopyranose
3 branched alpha-D-mannopyranose-(1-3)-[beta-D-mannopyranose-(1-6)]beta-D-mannopyranose-(1-3)-beta-D-mannopyranose-(1-4)-2-acetamido-2-deoxy-beta-D-glucopyranose-(1-4)-2-acetamido-2-deoxy-beta-D-glucopyranose
4 branched alpha-D-mannopyranose-(1-3)-beta-D-mannopyranose-(1-4)-2-acetamido-2-deoxy-beta-D-glucopyranose-(1-4)-2-acetamido-2-deoxy-beta-D-glucopyranose
5 non-polymer 'COPPER (II) ION'
6 non-polymer 'PEROXIDE ION'
7 water water
#
_entity_poly.entity_id   1
_entity_poly.type   'polypeptide(L)'
_entity_poly.pdbx_seq_one_letter_code
;MSRFQSLLCFVLVSLAAVANAAIGPVADLTLTNAAVSPDGFTREAVVVNGITPAPLIAGKKGDRFQLNVIDNLTNHTMLK
TTSIHWHGFFQHGTNWADGVSFVNQCPIASGHSFLYDFQVPDQAGTFWYHSHLSTQYCDGLRGPFVVYDPNDPQASLYDI
DNDDTVITLADWYHLAAKVGQRFPLGADATLINGLGRTPGTTSADLAVIKVTQGKRYRFRLVSLSCDPNHTFSIDGHTMT
IIEADSVNTQPLEVDSIQIFAAQRYSFVLDASQPVDNYWIRANPPFGNVGFAGGINSAILRYDGAPEVEPTTTQTTPTKP
LNEADLHPLTPMPVPGRPEPGGVDKPLNMVFNFNGTNFFINNHSFVPPSVPVLLQILSGAQAAQDLVPEGSVYVLPSNAS
IEISFPATANAPGSPHPFHLHGHTFAVVRSAGSSEYNYDNPVFRDVVSTGTPGDNVTIRFQTNNPGPWFLHCHIDFHLDA
GFAVVMAEDTPDTASVNQVPQSWSDLCPIYDALDPSDL
;
_entity_poly.pdbx_strand_id   A
#
loop_
_chem_comp.id
_chem_comp.type
_chem_comp.name
_chem_comp.formula
BMA D-saccharide, beta linking beta-D-mannopyranose 'C6 H12 O6'
CU non-polymer 'COPPER (II) ION' 'Cu 2'
MAN D-saccharide, alpha linking alpha-D-mannopyranose 'C6 H12 O6'
NAG D-saccharide, beta linking 2-acetamido-2-deoxy-beta-D-glucopyranose 'C8 H15 N O6'
PER non-polymer 'PEROXIDE ION' 'O2 -2'
#
# COMPACT_ATOMS: atom_id res chain seq x y z
N ALA A 22 -14.50 4.12 -14.14
CA ALA A 22 -14.16 3.71 -12.77
C ALA A 22 -15.30 4.09 -11.81
N ILE A 23 -15.60 3.22 -10.86
CA ILE A 23 -16.58 3.51 -9.84
C ILE A 23 -16.09 4.56 -8.88
N GLY A 24 -17.01 5.03 -8.03
CA GLY A 24 -16.73 6.13 -7.11
C GLY A 24 -16.96 7.49 -7.77
N PRO A 25 -16.99 8.57 -6.98
CA PRO A 25 -16.61 8.57 -5.54
C PRO A 25 -17.66 8.02 -4.59
N VAL A 26 -18.87 7.84 -5.08
CA VAL A 26 -19.91 7.14 -4.33
C VAL A 26 -20.18 5.79 -4.96
N ALA A 27 -20.15 4.72 -4.13
CA ALA A 27 -20.25 3.35 -4.67
C ALA A 27 -20.39 2.24 -3.64
N ASP A 28 -20.91 1.13 -4.15
CA ASP A 28 -21.08 -0.09 -3.40
C ASP A 28 -19.90 -1.01 -3.69
N LEU A 29 -19.24 -1.45 -2.63
CA LEU A 29 -18.20 -2.44 -2.73
C LEU A 29 -18.72 -3.72 -2.09
N THR A 30 -19.26 -4.59 -2.93
CA THR A 30 -19.88 -5.84 -2.48
C THR A 30 -18.84 -6.95 -2.39
N LEU A 31 -18.67 -7.55 -1.23
CA LEU A 31 -17.66 -8.58 -1.03
C LEU A 31 -18.29 -9.97 -1.09
N THR A 32 -17.72 -10.84 -1.91
CA THR A 32 -18.17 -12.24 -1.99
C THR A 32 -16.95 -13.14 -2.13
N ASN A 33 -17.18 -14.45 -2.01
CA ASN A 33 -16.16 -15.47 -2.27
C ASN A 33 -16.43 -16.12 -3.63
N ALA A 34 -15.36 -16.44 -4.34
CA ALA A 34 -15.44 -16.85 -5.73
C ALA A 34 -14.19 -17.59 -6.17
N ALA A 35 -14.38 -18.47 -7.13
CA ALA A 35 -13.25 -19.12 -7.76
C ALA A 35 -12.75 -18.21 -8.86
N VAL A 36 -11.45 -17.96 -8.83
CA VAL A 36 -10.81 -17.14 -9.83
C VAL A 36 -9.62 -17.91 -10.37
N SER A 37 -9.23 -17.62 -11.61
CA SER A 37 -7.97 -18.19 -12.12
C SER A 37 -7.18 -17.13 -12.92
N PRO A 38 -6.60 -16.18 -12.20
CA PRO A 38 -5.88 -15.10 -12.88
C PRO A 38 -4.62 -15.54 -13.61
N ASP A 39 -4.04 -16.65 -13.17
CA ASP A 39 -2.79 -17.19 -13.69
C ASP A 39 -2.96 -18.61 -14.25
N GLY A 40 -4.18 -18.95 -14.63
CA GLY A 40 -4.45 -20.25 -15.20
C GLY A 40 -4.86 -21.33 -14.22
N PHE A 41 -4.72 -21.10 -12.91
CA PHE A 41 -4.99 -22.10 -11.86
C PHE A 41 -6.18 -21.63 -11.02
N THR A 42 -7.27 -22.40 -10.94
CA THR A 42 -8.42 -22.03 -10.08
C THR A 42 -8.14 -22.19 -8.57
N ARG A 43 -8.46 -21.15 -7.82
CA ARG A 43 -8.54 -21.19 -6.35
C ARG A 43 -9.68 -20.28 -5.88
N GLU A 44 -10.16 -20.46 -4.64
CA GLU A 44 -11.15 -19.53 -4.06
C GLU A 44 -10.46 -18.26 -3.55
N ALA A 45 -11.16 -17.14 -3.71
CA ALA A 45 -10.63 -15.86 -3.31
C ALA A 45 -11.68 -14.99 -2.66
N VAL A 46 -11.24 -13.93 -2.02
CA VAL A 46 -12.10 -12.81 -1.67
C VAL A 46 -12.09 -11.86 -2.85
N VAL A 47 -13.28 -11.53 -3.36
CA VAL A 47 -13.42 -10.62 -4.51
C VAL A 47 -14.32 -9.44 -4.21
N VAL A 48 -14.29 -8.45 -5.10
CA VAL A 48 -14.98 -7.18 -4.89
C VAL A 48 -15.73 -6.84 -6.15
N ASN A 49 -17.05 -6.75 -6.04
CA ASN A 49 -17.92 -6.65 -7.18
C ASN A 49 -17.51 -7.68 -8.21
N GLY A 50 -17.35 -8.91 -7.72
CA GLY A 50 -17.02 -10.04 -8.56
C GLY A 50 -15.58 -10.28 -9.02
N ILE A 51 -14.62 -9.39 -8.71
CA ILE A 51 -13.26 -9.48 -9.29
C ILE A 51 -12.13 -9.27 -8.27
N THR A 52 -11.00 -9.95 -8.52
CA THR A 52 -9.73 -9.61 -7.88
C THR A 52 -8.66 -9.59 -8.98
N PRO A 53 -7.76 -8.60 -8.94
CA PRO A 53 -7.79 -7.46 -8.03
C PRO A 53 -9.10 -6.69 -7.99
N ALA A 54 -9.39 -6.05 -6.85
CA ALA A 54 -10.60 -5.22 -6.70
C ALA A 54 -10.61 -4.10 -7.72
N PRO A 55 -11.80 -3.57 -8.06
CA PRO A 55 -11.82 -2.59 -9.14
C PRO A 55 -11.26 -1.24 -8.75
N LEU A 56 -10.84 -0.50 -9.76
CA LEU A 56 -10.38 0.84 -9.63
C LEU A 56 -11.50 1.71 -9.08
N ILE A 57 -11.21 2.42 -7.99
CA ILE A 57 -12.05 3.46 -7.45
C ILE A 57 -11.40 4.78 -7.83
N ALA A 58 -12.20 5.73 -8.32
CA ALA A 58 -11.69 7.04 -8.80
C ALA A 58 -12.55 8.18 -8.31
N GLY A 59 -11.93 9.35 -8.27
CA GLY A 59 -12.61 10.59 -7.95
C GLY A 59 -11.65 11.72 -8.24
N LYS A 60 -11.91 12.86 -7.63
CA LYS A 60 -11.07 14.01 -7.86
C LYS A 60 -10.85 14.79 -6.57
N LYS A 61 -9.80 15.60 -6.53
CA LYS A 61 -9.49 16.47 -5.39
C LYS A 61 -10.73 17.23 -4.97
N GLY A 62 -11.00 17.23 -3.68
CA GLY A 62 -12.22 17.81 -3.15
C GLY A 62 -13.41 16.90 -3.02
N ASP A 63 -13.37 15.69 -3.57
CA ASP A 63 -14.56 14.82 -3.54
C ASP A 63 -14.84 14.28 -2.15
N ARG A 64 -16.07 13.84 -1.99
CA ARG A 64 -16.55 13.16 -0.82
C ARG A 64 -16.80 11.74 -1.26
N PHE A 65 -16.11 10.80 -0.59
CA PHE A 65 -16.16 9.39 -0.95
C PHE A 65 -17.10 8.69 -0.04
N GLN A 66 -18.03 7.97 -0.61
CA GLN A 66 -19.04 7.26 0.16
C GLN A 66 -19.04 5.84 -0.36
N LEU A 67 -18.27 5.01 0.31
CA LEU A 67 -17.97 3.71 -0.17
C LEU A 67 -18.62 2.76 0.78
N ASN A 68 -19.69 2.13 0.32
CA ASN A 68 -20.50 1.32 1.19
C ASN A 68 -20.08 -0.11 1.02
N VAL A 69 -19.39 -0.61 2.04
CA VAL A 69 -18.84 -1.96 1.99
C VAL A 69 -19.91 -2.90 2.47
N ILE A 70 -20.31 -3.83 1.59
CA ILE A 70 -21.38 -4.80 1.84
C ILE A 70 -20.78 -6.19 2.00
N ASP A 71 -20.75 -6.71 3.22
CA ASP A 71 -20.04 -7.98 3.46
C ASP A 71 -20.95 -9.16 3.20
N ASN A 72 -20.70 -9.90 2.12
CA ASN A 72 -21.41 -11.16 1.84
C ASN A 72 -20.47 -12.35 1.74
N LEU A 73 -19.42 -12.31 2.55
CA LEU A 73 -18.42 -13.35 2.51
C LEU A 73 -18.96 -14.49 3.31
N THR A 74 -18.77 -15.69 2.77
CA THR A 74 -19.25 -16.92 3.35
C THR A 74 -18.15 -17.86 3.85
N ASN A 75 -16.90 -17.63 3.46
CA ASN A 75 -15.80 -18.56 3.71
C ASN A 75 -14.96 -18.18 4.93
N HIS A 76 -15.06 -18.98 5.98
CA HIS A 76 -14.41 -18.69 7.27
C HIS A 76 -12.89 -18.72 7.18
N THR A 77 -12.36 -19.64 6.36
CA THR A 77 -10.92 -19.78 6.15
C THR A 77 -10.21 -18.51 5.63
N MET A 78 -10.94 -17.71 4.84
CA MET A 78 -10.43 -16.44 4.34
C MET A 78 -11.05 -15.23 5.08
N LEU A 79 -11.72 -15.55 6.20
CA LEU A 79 -12.44 -14.62 7.09
C LEU A 79 -13.72 -14.04 6.50
N LYS A 80 -14.82 -14.32 7.18
CA LYS A 80 -16.14 -13.78 6.83
C LYS A 80 -16.29 -12.35 7.29
N THR A 81 -15.63 -12.01 8.38
CA THR A 81 -15.53 -10.62 8.81
C THR A 81 -14.49 -9.87 7.97
N THR A 82 -14.57 -8.54 7.96
CA THR A 82 -13.67 -7.71 7.16
C THR A 82 -13.57 -6.29 7.68
N SER A 83 -12.61 -5.56 7.14
CA SER A 83 -12.41 -4.17 7.40
C SER A 83 -11.59 -3.65 6.25
N ILE A 84 -11.84 -2.41 5.82
CA ILE A 84 -11.16 -1.89 4.65
C ILE A 84 -10.42 -0.58 4.89
N HIS A 85 -9.14 -0.54 4.50
CA HIS A 85 -8.30 0.65 4.62
C HIS A 85 -8.08 1.30 3.27
N TRP A 86 -8.06 2.64 3.27
CA TRP A 86 -7.90 3.50 2.10
C TRP A 86 -6.49 4.08 2.20
N HIS A 87 -5.54 3.42 1.54
CA HIS A 87 -4.12 3.59 1.81
C HIS A 87 -3.61 4.93 1.32
N GLY A 88 -3.04 5.71 2.24
CA GLY A 88 -2.43 6.99 1.91
C GLY A 88 -3.27 8.22 2.16
N PHE A 89 -4.56 8.04 2.43
CA PHE A 89 -5.42 9.16 2.81
C PHE A 89 -5.25 9.54 4.28
N PHE A 90 -5.30 10.84 4.56
CA PHE A 90 -5.07 11.34 5.91
C PHE A 90 -6.24 11.03 6.84
N GLN A 91 -7.45 10.97 6.29
CA GLN A 91 -8.64 10.75 7.11
C GLN A 91 -8.72 11.75 8.28
N HIS A 92 -8.30 12.99 8.03
CA HIS A 92 -8.36 14.07 9.04
C HIS A 92 -9.79 14.21 9.55
N GLY A 93 -9.99 13.99 10.84
CA GLY A 93 -11.31 14.02 11.45
C GLY A 93 -12.26 12.88 11.12
N THR A 94 -11.74 11.83 10.49
CA THR A 94 -12.50 10.61 10.14
C THR A 94 -11.65 9.39 10.45
N ASN A 95 -10.90 9.47 11.55
CA ASN A 95 -10.06 8.38 12.00
C ASN A 95 -10.83 7.07 12.15
N TRP A 96 -12.12 7.17 12.45
CA TRP A 96 -13.02 6.00 12.49
C TRP A 96 -13.14 5.20 11.19
N ALA A 97 -12.85 5.86 10.06
CA ALA A 97 -12.99 5.26 8.76
C ALA A 97 -11.67 4.71 8.19
N ASP A 98 -10.60 4.70 8.96
CA ASP A 98 -9.27 4.42 8.41
C ASP A 98 -9.08 2.93 8.09
N GLY A 99 -9.83 2.08 8.78
CA GLY A 99 -10.04 0.70 8.34
C GLY A 99 -9.37 -0.34 9.20
N VAL A 100 -8.36 0.07 9.89
CA VAL A 100 -7.48 -0.88 10.50
C VAL A 100 -8.12 -1.63 11.67
N SER A 101 -8.26 -2.92 11.54
CA SER A 101 -9.03 -3.67 12.53
C SER A 101 -8.49 -3.66 13.98
N PHE A 102 -9.35 -3.33 14.94
CA PHE A 102 -8.99 -3.24 16.37
C PHE A 102 -8.07 -2.08 16.75
N VAL A 103 -7.73 -1.23 15.79
CA VAL A 103 -7.12 0.06 16.07
C VAL A 103 -8.16 1.12 15.83
N ASN A 104 -8.72 1.12 14.63
CA ASN A 104 -9.63 2.17 14.15
C ASN A 104 -11.13 1.80 14.08
N GLN A 105 -11.45 0.49 14.17
CA GLN A 105 -12.83 -0.04 14.19
C GLN A 105 -12.82 -1.53 14.55
N CYS A 106 -13.97 -2.09 14.94
CA CYS A 106 -14.15 -3.55 14.93
C CYS A 106 -14.50 -3.94 13.49
N PRO A 107 -14.28 -5.22 13.15
CA PRO A 107 -14.65 -5.66 11.79
C PRO A 107 -16.14 -5.63 11.48
N ILE A 108 -16.43 -5.46 10.20
CA ILE A 108 -17.78 -5.57 9.68
C ILE A 108 -18.07 -7.05 9.69
N ALA A 109 -19.30 -7.40 10.02
CA ALA A 109 -19.69 -8.81 10.05
C ALA A 109 -20.34 -9.19 8.72
N SER A 110 -20.23 -10.46 8.32
CA SER A 110 -20.94 -10.94 7.14
C SER A 110 -22.43 -10.79 7.36
N GLY A 111 -23.15 -10.48 6.30
CA GLY A 111 -24.56 -10.12 6.39
C GLY A 111 -24.82 -8.66 6.69
N HIS A 112 -23.77 -7.85 6.87
CA HIS A 112 -23.91 -6.44 7.26
C HIS A 112 -23.24 -5.55 6.24
N SER A 113 -23.47 -4.24 6.39
CA SER A 113 -22.88 -3.18 5.60
C SER A 113 -22.22 -2.20 6.51
N PHE A 114 -21.32 -1.40 5.97
CA PHE A 114 -20.78 -0.28 6.69
C PHE A 114 -20.31 0.74 5.68
N LEU A 115 -20.80 1.95 5.85
CA LEU A 115 -20.48 3.08 4.99
C LEU A 115 -19.25 3.77 5.49
N TYR A 116 -18.23 3.81 4.63
CA TYR A 116 -17.05 4.63 4.85
C TYR A 116 -17.26 5.96 4.13
N ASP A 117 -17.24 7.04 4.90
CA ASP A 117 -17.63 8.35 4.43
C ASP A 117 -16.58 9.38 4.84
N PHE A 118 -15.75 9.78 3.88
CA PHE A 118 -14.67 10.72 4.12
C PHE A 118 -14.48 11.66 2.94
N GLN A 119 -13.77 12.75 3.22
CA GLN A 119 -13.45 13.76 2.24
C GLN A 119 -11.97 13.78 1.98
N VAL A 120 -11.61 14.20 0.76
CA VAL A 120 -10.23 14.35 0.38
C VAL A 120 -10.09 15.78 -0.13
N PRO A 121 -9.93 16.74 0.79
CA PRO A 121 -9.97 18.15 0.40
C PRO A 121 -8.66 18.67 -0.18
N ASP A 122 -7.55 18.08 0.27
CA ASP A 122 -6.22 18.66 0.20
C ASP A 122 -5.20 17.65 -0.39
N GLN A 123 -5.68 16.59 -1.01
CA GLN A 123 -4.83 15.48 -1.48
C GLN A 123 -5.25 15.12 -2.90
N ALA A 124 -4.26 14.71 -3.69
CA ALA A 124 -4.50 14.07 -4.99
C ALA A 124 -3.37 13.13 -5.27
N GLY A 125 -3.66 12.16 -6.14
CA GLY A 125 -2.62 11.28 -6.65
C GLY A 125 -3.03 9.84 -6.70
N THR A 126 -2.07 8.96 -6.43
CA THR A 126 -2.26 7.55 -6.68
C THR A 126 -2.23 6.81 -5.38
N PHE A 127 -3.31 6.09 -5.10
CA PHE A 127 -3.54 5.42 -3.83
C PHE A 127 -3.97 3.98 -4.10
N TRP A 128 -4.39 3.27 -3.04
CA TRP A 128 -5.07 2.00 -3.20
C TRP A 128 -5.91 1.69 -1.99
N TYR A 129 -6.65 0.57 -2.07
CA TYR A 129 -7.48 0.11 -0.96
C TYR A 129 -7.32 -1.38 -0.77
N HIS A 130 -7.47 -1.82 0.47
CA HIS A 130 -7.27 -3.22 0.79
C HIS A 130 -7.82 -3.59 2.16
N SER A 131 -8.08 -4.88 2.34
CA SER A 131 -8.50 -5.36 3.64
C SER A 131 -7.44 -5.04 4.64
N HIS A 132 -7.86 -4.64 5.83
CA HIS A 132 -6.93 -4.38 6.93
C HIS A 132 -7.27 -5.23 8.14
N LEU A 133 -7.65 -6.47 7.87
CA LEU A 133 -7.90 -7.50 8.88
C LEU A 133 -7.00 -8.68 8.55
N SER A 134 -6.11 -8.99 9.49
CA SER A 134 -5.28 -10.19 9.36
C SER A 134 -4.52 -10.18 8.00
N THR A 135 -4.52 -11.30 7.28
CA THR A 135 -3.86 -11.41 5.97
C THR A 135 -4.90 -11.56 4.87
N GLN A 136 -6.09 -11.00 5.08
CA GLN A 136 -7.19 -11.12 4.16
C GLN A 136 -6.91 -10.44 2.83
N TYR A 137 -6.20 -9.33 2.82
CA TYR A 137 -5.98 -8.67 1.55
C TYR A 137 -5.28 -9.55 0.53
N CYS A 138 -4.38 -10.38 1.02
CA CYS A 138 -3.77 -11.40 0.20
C CYS A 138 -4.65 -12.36 -0.56
N ASP A 139 -5.74 -12.77 0.08
CA ASP A 139 -6.69 -13.65 -0.52
C ASP A 139 -7.56 -12.94 -1.58
N GLY A 140 -7.34 -11.64 -1.81
CA GLY A 140 -7.84 -10.95 -3.00
C GLY A 140 -8.44 -9.56 -2.81
N LEU A 141 -8.70 -9.15 -1.57
CA LEU A 141 -9.32 -7.84 -1.30
C LEU A 141 -8.27 -6.72 -1.35
N ARG A 142 -7.92 -6.30 -2.58
CA ARG A 142 -6.89 -5.27 -2.82
C ARG A 142 -7.06 -4.71 -4.21
N GLY A 143 -7.12 -3.37 -4.34
CA GLY A 143 -7.30 -2.72 -5.65
C GLY A 143 -6.80 -1.28 -5.69
N PRO A 144 -6.71 -0.69 -6.90
CA PRO A 144 -6.22 0.68 -7.06
C PRO A 144 -7.27 1.73 -6.72
N PHE A 145 -6.81 2.94 -6.42
CA PHE A 145 -7.66 4.04 -5.99
C PHE A 145 -6.98 5.32 -6.47
N VAL A 146 -7.57 6.05 -7.41
CA VAL A 146 -6.93 7.25 -7.96
C VAL A 146 -7.78 8.49 -7.72
N VAL A 147 -7.12 9.56 -7.28
CA VAL A 147 -7.74 10.87 -7.09
C VAL A 147 -7.08 11.86 -8.06
N TYR A 148 -7.84 12.26 -9.07
CA TYR A 148 -7.28 13.05 -10.16
C TYR A 148 -7.29 14.50 -9.67
N ASP A 149 -6.35 15.30 -10.19
CA ASP A 149 -6.21 16.71 -9.87
C ASP A 149 -6.54 17.45 -11.14
N PRO A 150 -7.67 18.16 -11.15
CA PRO A 150 -8.06 18.81 -12.41
C PRO A 150 -7.09 19.93 -12.85
N ASN A 151 -6.23 20.35 -11.92
CA ASN A 151 -5.09 21.20 -12.23
C ASN A 151 -3.77 20.56 -11.87
N ASP A 152 -3.63 19.27 -12.20
CA ASP A 152 -2.39 18.55 -11.93
C ASP A 152 -1.27 19.38 -12.52
N PRO A 153 -0.27 19.71 -11.69
CA PRO A 153 0.85 20.46 -12.24
C PRO A 153 1.64 19.68 -13.25
N GLN A 154 1.52 18.34 -13.30
CA GLN A 154 2.30 17.53 -14.25
C GLN A 154 1.60 17.27 -15.61
N ALA A 155 0.40 17.83 -15.81
CA ALA A 155 -0.48 17.47 -16.93
C ALA A 155 0.10 17.71 -18.33
N SER A 156 0.97 18.71 -18.44
CA SER A 156 1.64 19.03 -19.68
C SER A 156 2.64 17.97 -20.10
N LEU A 157 3.11 17.15 -19.17
CA LEU A 157 4.06 16.07 -19.51
C LEU A 157 3.46 14.84 -20.23
N TYR A 158 2.13 14.79 -20.40
CA TYR A 158 1.49 13.62 -20.99
C TYR A 158 0.18 13.91 -21.65
N ASP A 159 -0.21 12.99 -22.51
CA ASP A 159 -1.44 13.12 -23.30
C ASP A 159 -2.62 12.36 -22.69
N ILE A 160 -2.33 11.22 -22.05
CA ILE A 160 -3.35 10.25 -21.70
C ILE A 160 -3.16 9.75 -20.27
N ASP A 161 -4.22 9.84 -19.50
CA ASP A 161 -4.24 9.45 -18.10
C ASP A 161 -5.69 9.04 -17.83
N ASN A 162 -5.97 7.74 -17.86
CA ASN A 162 -7.32 7.28 -17.63
C ASN A 162 -7.33 5.90 -17.00
N ASP A 163 -8.49 5.24 -16.97
CA ASP A 163 -8.57 3.93 -16.29
C ASP A 163 -7.60 2.91 -16.91
N ASP A 164 -7.30 3.08 -18.18
CA ASP A 164 -6.41 2.15 -18.86
C ASP A 164 -4.92 2.40 -18.66
N THR A 165 -4.57 3.46 -17.94
CA THR A 165 -3.17 3.74 -17.64
C THR A 165 -2.79 3.37 -16.21
N VAL A 166 -3.71 2.76 -15.46
CA VAL A 166 -3.38 2.16 -14.20
C VAL A 166 -2.79 0.76 -14.43
N ILE A 167 -1.65 0.52 -13.79
CA ILE A 167 -0.99 -0.79 -13.79
C ILE A 167 -0.82 -1.27 -12.36
N THR A 168 -1.39 -2.42 -12.04
CA THR A 168 -1.30 -2.96 -10.69
C THR A 168 -0.33 -4.11 -10.73
N LEU A 169 0.35 -4.36 -9.61
CA LEU A 169 1.18 -5.57 -9.42
C LEU A 169 0.73 -6.35 -8.16
N ALA A 170 0.57 -7.66 -8.32
CA ALA A 170 0.06 -8.46 -7.24
C ALA A 170 0.73 -9.83 -7.26
N ASP A 171 1.43 -10.11 -6.17
CA ASP A 171 1.89 -11.45 -5.83
C ASP A 171 0.71 -12.38 -5.56
N TRP A 172 0.62 -13.48 -6.30
CA TRP A 172 -0.54 -14.38 -6.23
C TRP A 172 -0.17 -15.77 -5.74
N TYR A 173 -0.95 -16.27 -4.78
CA TYR A 173 -0.64 -17.54 -4.12
C TYR A 173 -1.67 -18.58 -4.51
N HIS A 174 -1.23 -19.80 -4.71
CA HIS A 174 -2.13 -20.93 -5.00
C HIS A 174 -2.77 -21.52 -3.74
N LEU A 175 -2.07 -21.47 -2.61
CA LEU A 175 -2.66 -21.73 -1.29
C LEU A 175 -3.07 -20.44 -0.64
N ALA A 176 -4.19 -20.51 0.07
CA ALA A 176 -4.75 -19.34 0.72
C ALA A 176 -3.84 -18.94 1.87
N ALA A 177 -4.06 -17.74 2.38
CA ALA A 177 -3.11 -17.14 3.29
C ALA A 177 -3.06 -17.88 4.63
N LYS A 178 -4.21 -18.33 5.14
CA LYS A 178 -4.27 -19.11 6.40
C LYS A 178 -3.87 -20.57 6.20
N VAL A 179 -4.29 -21.17 5.08
CA VAL A 179 -3.93 -22.56 4.75
C VAL A 179 -2.39 -22.74 4.45
N GLY A 180 -1.70 -21.71 3.95
CA GLY A 180 -0.31 -21.86 3.49
C GLY A 180 0.74 -21.69 4.57
N GLN A 181 1.99 -21.48 4.20
CA GLN A 181 3.04 -21.19 5.18
C GLN A 181 2.76 -19.88 5.92
N ARG A 182 3.24 -19.77 7.15
CA ARG A 182 3.11 -18.52 7.91
C ARG A 182 3.97 -17.38 7.33
N PHE A 183 5.17 -17.68 6.86
CA PHE A 183 6.01 -16.72 6.14
C PHE A 183 6.35 -17.35 4.80
N PRO A 184 5.43 -17.24 3.82
CA PRO A 184 5.57 -18.06 2.62
C PRO A 184 6.81 -17.78 1.84
N LEU A 185 7.19 -18.76 1.04
CA LEU A 185 8.49 -18.77 0.40
C LEU A 185 8.45 -17.91 -0.88
N GLY A 186 7.68 -16.82 -0.92
CA GLY A 186 7.40 -16.07 -2.17
C GLY A 186 6.08 -16.49 -2.82
N ALA A 187 5.71 -15.78 -3.89
CA ALA A 187 4.44 -15.99 -4.63
C ALA A 187 4.61 -17.13 -5.60
N ASP A 188 3.51 -17.64 -6.15
CA ASP A 188 3.56 -18.55 -7.33
C ASP A 188 3.59 -17.79 -8.64
N ALA A 189 2.83 -16.70 -8.68
CA ALA A 189 2.81 -15.78 -9.81
C ALA A 189 2.89 -14.30 -9.39
N THR A 190 3.26 -13.48 -10.37
CA THR A 190 3.11 -12.06 -10.30
C THR A 190 2.09 -11.70 -11.34
N LEU A 191 1.09 -10.95 -10.90
CA LEU A 191 -0.03 -10.50 -11.71
C LEU A 191 0.17 -9.05 -12.09
N ILE A 192 0.08 -8.75 -13.37
CA ILE A 192 0.15 -7.38 -13.86
C ILE A 192 -1.21 -7.11 -14.43
N ASN A 193 -1.91 -6.14 -13.85
CA ASN A 193 -3.33 -5.88 -14.18
C ASN A 193 -4.18 -7.15 -14.10
N GLY A 194 -3.99 -7.86 -13.00
CA GLY A 194 -4.76 -9.05 -12.70
C GLY A 194 -4.41 -10.32 -13.45
N LEU A 195 -3.44 -10.29 -14.34
CA LEU A 195 -3.09 -11.48 -15.13
C LEU A 195 -1.62 -11.72 -15.11
N GLY A 196 -1.26 -12.99 -15.31
CA GLY A 196 0.13 -13.43 -15.33
C GLY A 196 0.23 -14.94 -15.35
N ARG A 197 1.45 -15.45 -15.33
CA ARG A 197 1.70 -16.89 -15.44
C ARG A 197 2.49 -17.45 -14.25
N THR A 198 2.31 -18.75 -14.01
CA THR A 198 3.17 -19.53 -13.11
C THR A 198 4.00 -20.45 -13.95
N PRO A 199 5.07 -21.03 -13.36
CA PRO A 199 5.82 -22.08 -14.03
C PRO A 199 4.90 -23.21 -14.57
N GLY A 200 3.92 -23.63 -13.77
CA GLY A 200 2.93 -24.61 -14.20
C GLY A 200 1.89 -24.19 -15.25
N THR A 201 1.80 -22.90 -15.57
CA THR A 201 0.77 -22.39 -16.49
C THR A 201 1.34 -21.33 -17.43
N THR A 202 2.34 -21.73 -18.19
CA THR A 202 3.07 -20.80 -19.02
C THR A 202 2.33 -20.47 -20.30
N SER A 203 1.11 -20.97 -20.48
CA SER A 203 0.28 -20.50 -21.58
C SER A 203 -1.00 -19.77 -21.14
N ALA A 204 -1.02 -19.29 -19.90
CA ALA A 204 -2.11 -18.47 -19.42
C ALA A 204 -2.03 -17.09 -20.06
N ASP A 205 -3.16 -16.40 -20.04
CA ASP A 205 -3.28 -15.12 -20.72
C ASP A 205 -2.49 -14.07 -20.02
N LEU A 206 -1.80 -13.26 -20.79
CA LEU A 206 -1.05 -12.16 -20.26
C LEU A 206 -1.86 -10.88 -20.43
N ALA A 207 -1.60 -9.91 -19.57
CA ALA A 207 -2.27 -8.64 -19.69
C ALA A 207 -1.63 -7.91 -20.82
N VAL A 208 -2.44 -7.07 -21.47
CA VAL A 208 -1.99 -6.26 -22.58
C VAL A 208 -2.26 -4.83 -22.21
N ILE A 209 -1.29 -3.96 -22.40
CA ILE A 209 -1.47 -2.52 -22.23
C ILE A 209 -1.25 -1.88 -23.58
N LYS A 210 -2.29 -1.24 -24.06
CA LYS A 210 -2.30 -0.67 -25.39
C LYS A 210 -1.79 0.75 -25.35
N VAL A 211 -0.93 1.07 -26.31
CA VAL A 211 -0.52 2.45 -26.59
C VAL A 211 -0.57 2.77 -28.08
N THR A 212 -0.65 4.05 -28.37
CA THR A 212 -0.64 4.53 -29.72
C THR A 212 0.66 5.23 -29.99
N GLN A 213 1.27 4.92 -31.12
CA GLN A 213 2.55 5.52 -31.46
C GLN A 213 2.38 7.02 -31.49
N GLY A 214 3.31 7.72 -30.87
CA GLY A 214 3.31 9.15 -30.86
C GLY A 214 2.69 9.80 -29.66
N LYS A 215 2.04 9.03 -28.79
CA LYS A 215 1.42 9.58 -27.59
C LYS A 215 2.23 9.29 -26.36
N ARG A 216 2.00 10.12 -25.35
CA ARG A 216 2.63 9.99 -24.05
C ARG A 216 1.58 9.63 -23.00
N TYR A 217 1.92 8.63 -22.20
CA TYR A 217 0.99 8.05 -21.22
C TYR A 217 1.51 8.34 -19.80
N ARG A 218 0.64 8.86 -18.93
CA ARG A 218 0.87 8.81 -17.50
C ARG A 218 0.46 7.43 -16.97
N PHE A 219 1.43 6.54 -16.76
CA PHE A 219 1.13 5.24 -16.18
C PHE A 219 1.24 5.35 -14.67
N ARG A 220 0.19 4.91 -13.98
CA ARG A 220 0.13 4.89 -12.51
C ARG A 220 0.35 3.46 -11.98
N LEU A 221 1.54 3.20 -11.46
CA LEU A 221 1.98 1.89 -11.08
C LEU A 221 1.70 1.69 -9.60
N VAL A 222 0.90 0.68 -9.27
CA VAL A 222 0.43 0.47 -7.90
C VAL A 222 0.87 -0.90 -7.45
N SER A 223 1.70 -1.00 -6.40
CA SER A 223 1.99 -2.31 -5.80
C SER A 223 0.89 -2.74 -4.84
N LEU A 224 0.18 -3.80 -5.20
CA LEU A 224 -0.78 -4.40 -4.27
C LEU A 224 -0.12 -5.55 -3.54
N SER A 225 1.20 -5.55 -3.40
CA SER A 225 1.89 -6.74 -2.97
C SER A 225 1.66 -7.01 -1.49
N CYS A 226 1.67 -8.29 -1.17
CA CYS A 226 1.54 -8.79 0.16
C CYS A 226 2.90 -9.03 0.83
N ASP A 227 3.98 -9.10 0.04
CA ASP A 227 5.30 -9.44 0.57
C ASP A 227 6.40 -9.01 -0.39
N PRO A 228 6.68 -9.76 -1.45
CA PRO A 228 7.84 -9.38 -2.26
C PRO A 228 7.76 -7.98 -2.84
N ASN A 229 8.91 -7.34 -3.00
CA ASN A 229 9.04 -6.14 -3.82
C ASN A 229 9.23 -6.59 -5.25
N HIS A 230 9.27 -5.66 -6.20
CA HIS A 230 9.33 -6.01 -7.61
C HIS A 230 10.18 -5.01 -8.32
N THR A 231 10.96 -5.52 -9.26
CA THR A 231 11.79 -4.70 -10.11
C THR A 231 11.12 -4.64 -11.48
N PHE A 232 10.57 -3.46 -11.77
CA PHE A 232 9.68 -3.22 -12.89
C PHE A 232 10.39 -2.50 -13.99
N SER A 233 10.29 -3.00 -15.22
CA SER A 233 10.80 -2.32 -16.40
C SER A 233 9.96 -2.59 -17.65
N ILE A 234 10.24 -1.85 -18.71
CA ILE A 234 9.61 -2.07 -19.99
C ILE A 234 10.72 -2.07 -21.04
N ASP A 235 10.90 -3.20 -21.71
CA ASP A 235 11.85 -3.27 -22.83
C ASP A 235 11.69 -2.10 -23.82
N GLY A 236 12.82 -1.60 -24.30
CA GLY A 236 12.87 -0.55 -25.27
C GLY A 236 12.38 0.81 -24.83
N HIS A 237 11.93 0.99 -23.59
CA HIS A 237 11.33 2.25 -23.16
C HIS A 237 11.89 2.75 -21.85
N THR A 238 11.84 4.06 -21.62
CA THR A 238 12.18 4.61 -20.31
C THR A 238 10.92 5.20 -19.69
N MET A 239 11.04 5.50 -18.41
CA MET A 239 9.94 5.92 -17.56
C MET A 239 10.38 7.18 -16.82
N THR A 240 9.63 8.26 -17.02
CA THR A 240 9.94 9.53 -16.40
C THR A 240 9.03 9.69 -15.19
N ILE A 241 9.56 9.43 -14.01
CA ILE A 241 8.78 9.43 -12.78
C ILE A 241 8.36 10.84 -12.41
N ILE A 242 7.07 11.01 -12.14
CA ILE A 242 6.49 12.29 -11.77
C ILE A 242 5.72 12.29 -10.45
N GLU A 243 5.69 11.15 -9.76
CA GLU A 243 4.94 10.97 -8.51
C GLU A 243 5.47 9.76 -7.76
N ALA A 244 5.65 9.89 -6.45
CA ALA A 244 6.00 8.77 -5.59
C ALA A 244 4.93 8.73 -4.55
N ASP A 245 4.34 7.54 -4.37
CA ASP A 245 3.15 7.38 -3.55
C ASP A 245 2.13 8.49 -3.93
N SER A 246 1.78 9.42 -3.03
CA SER A 246 0.82 10.53 -3.33
C SER A 246 1.48 11.88 -3.62
N VAL A 247 2.82 11.88 -3.61
CA VAL A 247 3.61 13.13 -3.66
C VAL A 247 4.20 13.37 -5.07
N ASN A 248 3.89 14.52 -5.66
CA ASN A 248 4.44 14.92 -6.94
C ASN A 248 5.95 15.20 -6.80
N THR A 249 6.73 14.61 -7.72
CA THR A 249 8.19 14.72 -7.76
C THR A 249 8.64 15.58 -8.94
N GLN A 250 9.85 16.10 -8.87
CA GLN A 250 10.49 16.66 -10.05
C GLN A 250 10.67 15.49 -10.99
N PRO A 251 10.46 15.71 -12.30
CA PRO A 251 10.59 14.62 -13.26
C PRO A 251 11.97 13.92 -13.23
N LEU A 252 11.95 12.61 -13.02
CA LEU A 252 13.15 11.80 -12.98
C LEU A 252 13.11 10.64 -13.98
N GLU A 253 13.88 10.75 -15.05
CA GLU A 253 13.95 9.65 -16.02
C GLU A 253 14.75 8.44 -15.51
N VAL A 254 14.12 7.26 -15.52
CA VAL A 254 14.76 6.00 -15.14
C VAL A 254 14.43 4.91 -16.15
N ASP A 255 15.07 3.77 -16.01
CA ASP A 255 14.79 2.61 -16.89
C ASP A 255 14.57 1.30 -16.13
N SER A 256 14.48 1.39 -14.81
CA SER A 256 14.19 0.27 -13.91
C SER A 256 13.69 0.84 -12.58
N ILE A 257 12.67 0.23 -11.99
CA ILE A 257 12.10 0.70 -10.72
C ILE A 257 11.92 -0.46 -9.78
N GLN A 258 12.54 -0.35 -8.62
CA GLN A 258 12.30 -1.32 -7.58
C GLN A 258 11.21 -0.74 -6.70
N ILE A 259 10.01 -1.33 -6.77
CA ILE A 259 8.82 -0.83 -6.06
C ILE A 259 8.49 -1.82 -4.96
N PHE A 260 8.41 -1.33 -3.72
CA PHE A 260 8.19 -2.17 -2.53
C PHE A 260 6.71 -2.29 -2.28
N ALA A 261 6.32 -3.31 -1.52
CA ALA A 261 4.91 -3.53 -1.20
C ALA A 261 4.22 -2.21 -0.78
N ALA A 262 3.10 -1.89 -1.45
CA ALA A 262 2.18 -0.78 -1.12
C ALA A 262 2.61 0.58 -1.63
N GLN A 263 3.73 0.62 -2.34
CA GLN A 263 4.24 1.87 -2.92
C GLN A 263 3.53 2.14 -4.22
N ARG A 264 3.57 3.39 -4.66
CA ARG A 264 3.12 3.74 -6.00
C ARG A 264 4.09 4.67 -6.68
N TYR A 265 4.07 4.69 -8.01
CA TYR A 265 4.78 5.67 -8.84
C TYR A 265 3.92 6.03 -10.01
N SER A 266 3.88 7.31 -10.38
CA SER A 266 3.42 7.67 -11.72
C SER A 266 4.64 7.90 -12.54
N PHE A 267 4.61 7.46 -13.79
CA PHE A 267 5.71 7.70 -14.70
C PHE A 267 5.15 7.93 -16.06
N VAL A 268 5.81 8.78 -16.83
CA VAL A 268 5.44 9.03 -18.21
C VAL A 268 6.22 8.11 -19.13
N LEU A 269 5.50 7.44 -20.02
CA LEU A 269 6.10 6.64 -21.08
C LEU A 269 5.79 7.35 -22.40
N ASP A 270 6.82 7.54 -23.21
CA ASP A 270 6.66 8.14 -24.50
C ASP A 270 6.58 7.00 -25.48
N ALA A 271 5.41 6.80 -26.07
CA ALA A 271 5.21 5.67 -26.98
C ALA A 271 5.68 6.02 -28.39
N SER A 272 6.98 6.23 -28.55
CA SER A 272 7.52 6.56 -29.87
C SER A 272 8.65 5.64 -30.30
N GLN A 273 8.60 4.42 -29.80
CA GLN A 273 9.33 3.31 -30.38
C GLN A 273 8.61 2.79 -31.62
N PRO A 274 9.23 1.83 -32.35
CA PRO A 274 8.52 1.17 -33.48
C PRO A 274 7.27 0.44 -33.02
N VAL A 275 6.28 0.37 -33.89
CA VAL A 275 5.02 -0.29 -33.60
C VAL A 275 5.36 -1.76 -33.43
N ASP A 276 5.20 -2.28 -32.21
CA ASP A 276 5.60 -3.64 -31.89
C ASP A 276 5.04 -4.03 -30.52
N ASN A 277 5.28 -5.29 -30.14
CA ASN A 277 5.07 -5.78 -28.79
C ASN A 277 6.38 -5.69 -27.97
N TYR A 278 6.30 -5.19 -26.74
CA TYR A 278 7.45 -5.01 -25.85
C TYR A 278 7.11 -5.66 -24.50
N TRP A 279 8.06 -6.38 -23.89
CA TRP A 279 7.79 -7.04 -22.62
C TRP A 279 7.76 -6.01 -21.51
N ILE A 280 6.73 -6.11 -20.67
CA ILE A 280 6.68 -5.43 -19.41
C ILE A 280 7.09 -6.48 -18.35
N ARG A 281 8.05 -6.10 -17.51
CA ARG A 281 8.72 -7.01 -16.58
C ARG A 281 8.48 -6.55 -15.16
N ALA A 282 8.13 -7.49 -14.27
CA ALA A 282 8.02 -7.19 -12.83
C ALA A 282 8.54 -8.39 -12.08
N ASN A 283 9.85 -8.34 -11.79
CA ASN A 283 10.57 -9.48 -11.25
C ASN A 283 10.63 -9.37 -9.72
N PRO A 284 10.15 -10.40 -9.00
CA PRO A 284 10.18 -10.33 -7.55
C PRO A 284 11.52 -10.76 -6.97
N PRO A 285 11.92 -10.25 -5.77
CA PRO A 285 13.18 -10.66 -5.15
C PRO A 285 13.19 -12.11 -4.73
N PHE A 286 12.03 -12.70 -4.51
CA PHE A 286 11.98 -14.14 -4.26
C PHE A 286 10.65 -14.68 -4.71
N GLY A 287 10.56 -16.01 -4.70
CA GLY A 287 9.46 -16.80 -5.28
C GLY A 287 9.95 -17.39 -6.59
N ASN A 288 9.11 -17.23 -7.61
CA ASN A 288 9.49 -17.60 -8.97
C ASN A 288 10.03 -16.42 -9.71
N VAL A 289 11.34 -16.49 -9.86
CA VAL A 289 12.22 -15.44 -10.28
C VAL A 289 12.42 -15.58 -11.80
N GLY A 290 12.76 -14.46 -12.41
CA GLY A 290 13.00 -14.40 -13.86
C GLY A 290 11.77 -14.52 -14.73
N PHE A 291 11.98 -14.96 -15.97
CA PHE A 291 10.99 -14.78 -17.04
C PHE A 291 10.69 -16.01 -17.88
N ALA A 292 11.11 -17.17 -17.40
CA ALA A 292 10.89 -18.39 -18.12
C ALA A 292 9.41 -18.66 -18.35
N GLY A 293 9.05 -18.83 -19.62
CA GLY A 293 7.68 -19.13 -20.03
C GLY A 293 6.75 -17.95 -20.00
N GLY A 294 7.33 -16.75 -19.90
CA GLY A 294 6.56 -15.50 -19.74
C GLY A 294 6.00 -15.19 -18.36
N ILE A 295 6.56 -15.81 -17.30
CA ILE A 295 6.17 -15.44 -15.95
C ILE A 295 6.69 -14.03 -15.65
N ASN A 296 6.10 -13.38 -14.65
CA ASN A 296 6.49 -12.02 -14.26
C ASN A 296 6.53 -11.03 -15.42
N SER A 297 5.60 -11.21 -16.36
CA SER A 297 5.60 -10.45 -17.59
C SER A 297 4.20 -10.06 -18.00
N ALA A 298 4.12 -8.94 -18.72
CA ALA A 298 2.93 -8.52 -19.45
C ALA A 298 3.33 -7.93 -20.81
N ILE A 299 2.36 -7.48 -21.60
CA ILE A 299 2.63 -6.99 -22.95
C ILE A 299 2.30 -5.52 -23.09
N LEU A 300 3.26 -4.72 -23.49
CA LEU A 300 2.99 -3.38 -24.01
C LEU A 300 2.80 -3.51 -25.54
N ARG A 301 1.59 -3.23 -26.02
CA ARG A 301 1.25 -3.38 -27.44
C ARG A 301 0.85 -2.08 -28.11
N TYR A 302 1.66 -1.66 -29.09
CA TYR A 302 1.34 -0.53 -29.94
C TYR A 302 0.14 -0.87 -30.83
N ASP A 303 -0.81 0.05 -31.00
CA ASP A 303 -1.95 -0.22 -31.92
C ASP A 303 -1.36 -0.54 -33.28
N GLY A 304 -1.85 -1.64 -33.86
CA GLY A 304 -1.47 -2.06 -35.20
C GLY A 304 -0.53 -3.25 -35.23
N ALA A 305 0.12 -3.51 -34.09
CA ALA A 305 0.96 -4.68 -33.95
C ALA A 305 0.15 -5.97 -33.93
N PRO A 306 0.72 -7.04 -34.45
CA PRO A 306 0.07 -8.35 -34.31
C PRO A 306 -0.15 -8.76 -32.85
N GLU A 307 -1.21 -9.53 -32.60
CA GLU A 307 -1.67 -9.77 -31.24
C GLU A 307 -1.10 -11.10 -30.70
N VAL A 308 0.15 -10.94 -30.29
CA VAL A 308 1.17 -11.97 -30.22
C VAL A 308 2.20 -11.56 -29.11
N GLU A 309 2.93 -12.51 -28.55
CA GLU A 309 3.89 -12.19 -27.49
C GLU A 309 5.07 -11.37 -28.00
N PRO A 310 5.63 -10.50 -27.16
CA PRO A 310 6.83 -9.80 -27.59
C PRO A 310 8.03 -10.74 -27.74
N THR A 311 9.01 -10.32 -28.54
CA THR A 311 10.29 -11.03 -28.66
C THR A 311 11.46 -10.12 -28.30
N THR A 312 11.18 -9.04 -27.57
CA THR A 312 12.23 -8.12 -27.13
C THR A 312 13.06 -8.78 -26.02
N THR A 313 14.27 -8.29 -25.83
CA THR A 313 15.20 -8.84 -24.80
C THR A 313 15.52 -7.76 -23.75
N GLN A 314 15.95 -8.21 -22.56
CA GLN A 314 16.29 -7.32 -21.43
CA GLN A 314 16.22 -7.22 -21.50
C GLN A 314 17.57 -6.55 -21.77
N THR A 315 17.60 -5.25 -21.46
CA THR A 315 18.82 -4.43 -21.44
C THR A 315 19.19 -4.21 -19.99
N THR A 316 20.49 -4.19 -19.73
CA THR A 316 20.98 -3.85 -18.42
C THR A 316 20.57 -2.41 -18.13
N PRO A 317 19.91 -2.17 -16.97
CA PRO A 317 19.53 -0.79 -16.62
C PRO A 317 20.76 0.11 -16.46
N THR A 318 20.68 1.33 -17.01
CA THR A 318 21.76 2.34 -16.87
C THR A 318 21.34 3.55 -16.04
N LYS A 319 20.08 3.62 -15.63
CA LYS A 319 19.54 4.76 -14.86
C LYS A 319 18.45 4.19 -13.95
N PRO A 320 18.81 3.25 -13.08
CA PRO A 320 17.83 2.75 -12.12
C PRO A 320 17.42 3.83 -11.11
N LEU A 321 16.23 3.68 -10.54
CA LEU A 321 15.71 4.63 -9.56
C LEU A 321 16.45 4.45 -8.27
N ASN A 322 16.90 5.54 -7.64
CA ASN A 322 17.24 5.59 -6.20
C ASN A 322 16.38 6.60 -5.49
N GLU A 323 15.89 6.24 -4.32
CA GLU A 323 15.03 7.12 -3.56
C GLU A 323 15.73 8.48 -3.27
N ALA A 324 17.06 8.44 -3.02
CA ALA A 324 17.91 9.67 -2.88
C ALA A 324 17.78 10.66 -4.05
N ASP A 325 17.54 10.17 -5.28
CA ASP A 325 17.38 11.03 -6.49
C ASP A 325 15.99 11.68 -6.63
N LEU A 326 15.00 11.18 -5.88
CA LEU A 326 13.65 11.79 -5.89
C LEU A 326 13.58 13.04 -4.99
N HIS A 327 13.08 14.13 -5.53
CA HIS A 327 12.76 15.31 -4.72
C HIS A 327 11.35 15.81 -5.06
N PRO A 328 10.68 16.46 -4.11
CA PRO A 328 9.35 16.97 -4.39
C PRO A 328 9.34 18.03 -5.45
N LEU A 329 8.21 18.17 -6.13
CA LEU A 329 8.05 19.14 -7.22
C LEU A 329 7.90 20.54 -6.65
N THR A 330 6.89 20.73 -5.76
CA THR A 330 6.71 22.00 -5.02
C THR A 330 7.46 21.78 -3.70
N PRO A 331 8.20 22.81 -3.22
CA PRO A 331 9.01 22.63 -2.02
C PRO A 331 8.21 22.19 -0.80
N MET A 332 8.73 21.16 -0.14
CA MET A 332 8.07 20.54 0.98
C MET A 332 9.08 20.54 2.13
N PRO A 333 8.88 21.48 3.06
CA PRO A 333 9.86 21.73 4.12
C PRO A 333 9.90 20.63 5.17
N VAL A 334 11.12 20.28 5.56
CA VAL A 334 11.34 19.19 6.50
C VAL A 334 11.04 19.69 7.90
N PRO A 335 10.16 19.01 8.65
CA PRO A 335 9.95 19.44 10.02
C PRO A 335 11.24 19.41 10.82
N GLY A 336 11.28 20.25 11.86
CA GLY A 336 12.37 20.26 12.82
C GLY A 336 13.56 21.01 12.30
N ARG A 337 14.73 20.70 12.86
CA ARG A 337 15.95 21.43 12.60
C ARG A 337 17.02 20.50 11.99
N PRO A 338 17.92 21.04 11.15
CA PRO A 338 18.81 20.18 10.35
C PRO A 338 19.87 19.33 11.08
N GLU A 339 19.47 18.45 11.99
CA GLU A 339 20.44 17.61 12.73
C GLU A 339 19.77 16.40 13.37
N PRO A 340 20.47 15.24 13.45
CA PRO A 340 19.88 14.00 14.03
C PRO A 340 19.21 14.28 15.35
N GLY A 341 18.16 13.54 15.70
CA GLY A 341 17.36 13.84 16.90
C GLY A 341 16.86 15.29 17.13
N GLY A 342 16.79 16.13 16.09
CA GLY A 342 16.48 17.55 16.24
C GLY A 342 15.01 17.94 16.08
N VAL A 343 14.18 17.36 16.93
CA VAL A 343 12.72 17.49 16.85
C VAL A 343 12.12 17.42 18.26
N ASP A 344 10.84 17.79 18.38
CA ASP A 344 10.15 17.69 19.68
C ASP A 344 10.18 16.28 20.27
N LYS A 345 10.13 15.25 19.40
CA LYS A 345 10.01 13.86 19.85
C LYS A 345 10.74 12.90 18.88
N PRO A 346 11.98 12.50 19.23
CA PRO A 346 12.64 11.42 18.48
C PRO A 346 12.24 10.04 18.98
N LEU A 347 12.09 9.08 18.07
CA LEU A 347 11.88 7.71 18.45
C LEU A 347 12.81 6.84 17.63
N ASN A 348 13.22 5.72 18.23
CA ASN A 348 14.00 4.72 17.55
C ASN A 348 13.33 3.37 17.74
N MET A 349 13.20 2.65 16.64
CA MET A 349 12.41 1.44 16.57
C MET A 349 13.34 0.25 16.41
N VAL A 350 13.39 -0.55 17.45
CA VAL A 350 14.36 -1.61 17.53
C VAL A 350 13.64 -2.89 17.20
N PHE A 351 13.93 -3.43 16.03
CA PHE A 351 13.25 -4.65 15.59
C PHE A 351 13.85 -5.90 16.22
N ASN A 352 13.01 -6.90 16.46
CA ASN A 352 13.49 -8.25 16.77
C ASN A 352 12.44 -9.29 16.38
N PHE A 353 12.70 -10.57 16.65
CA PHE A 353 11.94 -11.66 16.08
C PHE A 353 12.34 -12.91 16.86
N ASN A 354 11.35 -13.71 17.29
CA ASN A 354 11.57 -14.92 18.10
C ASN A 354 11.30 -16.22 17.30
N GLY A 355 11.33 -16.14 15.98
CA GLY A 355 10.99 -17.30 15.14
C GLY A 355 9.51 -17.42 14.79
N THR A 356 8.62 -16.80 15.58
CA THR A 356 7.18 -16.79 15.33
C THR A 356 6.66 -15.37 15.13
N ASN A 357 6.98 -14.49 16.06
CA ASN A 357 6.46 -13.14 16.04
C ASN A 357 7.56 -12.12 15.96
N PHE A 358 7.25 -11.03 15.28
CA PHE A 358 8.08 -9.82 15.26
C PHE A 358 7.73 -8.97 16.46
N PHE A 359 8.68 -8.08 16.77
CA PHE A 359 8.72 -7.28 17.98
C PHE A 359 9.25 -5.90 17.61
N ILE A 360 8.64 -4.85 18.14
CA ILE A 360 9.21 -3.51 18.06
C ILE A 360 9.38 -3.03 19.47
N ASN A 361 10.55 -2.46 19.77
CA ASN A 361 11.01 -2.16 21.13
C ASN A 361 10.51 -3.12 22.20
N ASN A 362 10.74 -4.42 21.99
CA ASN A 362 10.40 -5.50 22.93
C ASN A 362 8.96 -6.02 22.95
N HIS A 363 8.04 -5.48 22.12
CA HIS A 363 6.62 -5.93 22.10
C HIS A 363 6.12 -6.27 20.69
N SER A 364 5.40 -7.40 20.60
CA SER A 364 4.71 -7.83 19.38
C SER A 364 3.25 -7.31 19.47
N PHE A 365 2.80 -6.57 18.46
CA PHE A 365 1.43 -6.07 18.48
C PHE A 365 0.48 -7.25 18.55
N VAL A 366 -0.41 -7.23 19.53
CA VAL A 366 -1.56 -8.14 19.56
C VAL A 366 -2.79 -7.26 19.51
N PRO A 367 -3.71 -7.53 18.56
CA PRO A 367 -4.94 -6.75 18.48
C PRO A 367 -5.81 -6.84 19.73
N PRO A 368 -6.23 -5.69 20.29
CA PRO A 368 -7.08 -5.71 21.47
C PRO A 368 -8.58 -5.93 21.14
N SER A 369 -9.34 -6.35 22.15
CA SER A 369 -10.77 -6.61 21.96
C SER A 369 -11.51 -5.31 21.67
N VAL A 370 -11.16 -4.24 22.39
CA VAL A 370 -11.78 -2.94 22.20
C VAL A 370 -10.87 -2.14 21.28
N PRO A 371 -11.40 -1.61 20.16
CA PRO A 371 -10.49 -0.88 19.30
C PRO A 371 -9.84 0.30 19.99
N VAL A 372 -8.59 0.58 19.67
CA VAL A 372 -7.83 1.65 20.29
C VAL A 372 -8.60 2.96 20.26
N LEU A 373 -9.19 3.30 19.13
CA LEU A 373 -9.98 4.53 19.06
C LEU A 373 -11.07 4.56 20.12
N LEU A 374 -11.86 3.49 20.20
CA LEU A 374 -12.91 3.39 21.22
C LEU A 374 -12.34 3.49 22.63
N GLN A 375 -11.20 2.84 22.87
CA GLN A 375 -10.48 3.05 24.13
C GLN A 375 -10.30 4.51 24.46
N ILE A 376 -9.79 5.26 23.49
CA ILE A 376 -9.55 6.71 23.68
C ILE A 376 -10.86 7.50 23.93
N LEU A 377 -11.94 7.12 23.25
CA LEU A 377 -13.21 7.84 23.40
C LEU A 377 -13.74 7.63 24.81
N SER A 378 -13.53 6.41 25.34
CA SER A 378 -13.92 6.02 26.69
C SER A 378 -13.12 6.68 27.79
N GLY A 379 -12.05 7.38 27.43
CA GLY A 379 -11.30 8.20 28.36
C GLY A 379 -9.87 7.78 28.59
N ALA A 380 -9.40 6.76 27.87
CA ALA A 380 -8.03 6.30 28.00
C ALA A 380 -7.17 7.14 27.08
N GLN A 381 -6.33 8.01 27.65
CA GLN A 381 -5.49 8.93 26.85
C GLN A 381 -4.00 8.86 27.11
N ALA A 382 -3.55 8.07 28.08
CA ALA A 382 -2.12 7.96 28.36
C ALA A 382 -1.66 6.56 27.97
N ALA A 383 -0.40 6.49 27.57
CA ALA A 383 0.19 5.21 27.10
C ALA A 383 0.00 4.05 28.07
N GLN A 384 0.11 4.30 29.37
CA GLN A 384 -0.03 3.23 30.36
C GLN A 384 -1.47 2.75 30.48
N ASP A 385 -2.44 3.61 30.20
CA ASP A 385 -3.86 3.20 30.26
C ASP A 385 -4.36 2.59 28.93
N LEU A 386 -3.54 2.63 27.88
CA LEU A 386 -3.92 2.06 26.59
C LEU A 386 -3.34 0.65 26.41
N VAL A 387 -4.19 -0.27 25.99
CA VAL A 387 -3.83 -1.64 25.79
C VAL A 387 -3.79 -1.90 24.26
N PRO A 388 -2.90 -2.75 23.72
CA PRO A 388 -1.81 -3.46 24.40
C PRO A 388 -0.69 -2.56 24.89
N GLU A 389 -0.23 -2.80 26.12
CA GLU A 389 0.56 -1.84 26.91
C GLU A 389 1.68 -1.17 26.05
N GLY A 390 2.68 -1.96 25.69
CA GLY A 390 3.87 -1.41 25.03
C GLY A 390 3.77 -0.99 23.57
N SER A 391 2.70 -1.37 22.90
CA SER A 391 2.62 -1.11 21.47
C SER A 391 2.07 0.29 21.11
N VAL A 392 1.54 1.04 22.08
CA VAL A 392 0.89 2.34 21.81
C VAL A 392 1.71 3.53 22.31
N TYR A 393 2.11 4.42 21.43
CA TYR A 393 2.90 5.57 21.81
C TYR A 393 2.01 6.77 21.66
N VAL A 394 2.03 7.64 22.67
CA VAL A 394 1.20 8.83 22.70
C VAL A 394 2.04 10.04 22.24
N LEU A 395 1.54 10.81 21.29
CA LEU A 395 2.31 11.95 20.73
C LEU A 395 1.60 13.27 21.02
N PRO A 396 2.36 14.33 21.39
CA PRO A 396 1.71 15.63 21.54
C PRO A 396 1.42 16.25 20.17
N SER A 397 0.41 17.12 20.12
CA SER A 397 0.04 17.80 18.87
C SER A 397 1.01 18.91 18.42
N ASN A 398 0.78 19.44 17.21
CA ASN A 398 1.64 20.41 16.53
C ASN A 398 3.09 20.24 16.94
N ALA A 399 3.57 19.01 16.87
CA ALA A 399 4.94 18.73 17.29
C ALA A 399 5.68 17.98 16.17
N SER A 400 6.96 18.28 16.01
CA SER A 400 7.82 17.60 15.06
C SER A 400 8.30 16.22 15.59
N ILE A 401 8.30 15.21 14.71
CA ILE A 401 8.61 13.83 15.09
C ILE A 401 9.67 13.27 14.15
N GLU A 402 10.55 12.42 14.68
CA GLU A 402 11.58 11.76 13.87
C GLU A 402 11.60 10.34 14.31
N ILE A 403 11.53 9.42 13.35
CA ILE A 403 11.55 8.00 13.68
C ILE A 403 12.59 7.32 12.82
N SER A 404 13.37 6.46 13.45
CA SER A 404 14.47 5.78 12.77
C SER A 404 14.18 4.29 12.84
N PHE A 405 14.38 3.61 11.72
CA PHE A 405 14.10 2.19 11.57
C PHE A 405 15.40 1.42 11.19
N PRO A 406 16.36 1.33 12.16
CA PRO A 406 17.64 0.65 11.93
C PRO A 406 17.42 -0.82 11.58
N ALA A 407 17.78 -1.17 10.34
CA ALA A 407 17.71 -2.56 9.87
C ALA A 407 18.56 -3.45 10.75
N THR A 408 18.19 -4.71 10.93
CA THR A 408 18.95 -5.58 11.82
C THR A 408 18.87 -7.04 11.39
N ALA A 409 20.02 -7.72 11.45
CA ALA A 409 20.08 -9.18 11.27
C ALA A 409 18.98 -9.90 12.08
N ASN A 410 18.51 -9.25 13.16
CA ASN A 410 17.47 -9.84 14.02
C ASN A 410 16.05 -9.87 13.48
N ALA A 411 15.77 -9.09 12.45
CA ALA A 411 14.44 -9.02 11.84
C ALA A 411 14.54 -9.55 10.42
N PRO A 412 14.42 -10.87 10.24
CA PRO A 412 14.56 -11.44 8.90
C PRO A 412 13.36 -11.11 8.01
N GLY A 413 13.49 -11.32 6.71
CA GLY A 413 12.50 -10.89 5.73
C GLY A 413 12.72 -9.47 5.22
N SER A 414 13.87 -8.89 5.61
CA SER A 414 14.29 -7.57 5.16
C SER A 414 14.41 -7.58 3.63
N PRO A 415 14.33 -6.44 2.95
CA PRO A 415 14.02 -5.13 3.52
C PRO A 415 12.53 -4.98 3.83
N HIS A 416 12.20 -4.49 5.01
CA HIS A 416 10.81 -4.31 5.42
C HIS A 416 10.35 -2.91 5.02
N PRO A 417 9.27 -2.80 4.20
CA PRO A 417 8.74 -1.48 3.83
C PRO A 417 7.76 -0.98 4.89
N PHE A 418 8.17 0.02 5.65
CA PHE A 418 7.32 0.53 6.71
C PHE A 418 6.37 1.64 6.23
N HIS A 419 5.15 1.56 6.76
CA HIS A 419 4.06 2.45 6.40
C HIS A 419 3.46 3.17 7.64
N LEU A 420 3.20 4.46 7.49
CA LEU A 420 2.55 5.26 8.51
C LEU A 420 1.20 5.72 8.00
N HIS A 421 0.15 5.33 8.71
CA HIS A 421 -1.20 5.85 8.44
C HIS A 421 -1.32 7.31 8.83
N GLY A 422 -2.31 7.98 8.25
CA GLY A 422 -2.67 9.32 8.65
C GLY A 422 -1.74 10.45 8.24
N HIS A 423 -0.66 10.13 7.52
CA HIS A 423 0.43 11.06 7.24
C HIS A 423 1.19 10.62 6.02
N THR A 424 1.69 11.56 5.23
CA THR A 424 2.90 11.30 4.46
C THR A 424 4.04 11.91 5.30
N PHE A 425 5.27 11.49 5.05
CA PHE A 425 6.42 11.85 5.87
C PHE A 425 7.63 12.10 5.01
N ALA A 426 8.58 12.85 5.56
CA ALA A 426 9.82 13.16 4.88
C ALA A 426 10.73 11.99 5.08
N VAL A 427 11.38 11.52 4.03
CA VAL A 427 12.40 10.47 4.21
C VAL A 427 13.74 11.15 4.19
N VAL A 428 14.25 11.47 5.37
CA VAL A 428 15.51 12.23 5.50
C VAL A 428 16.74 11.36 5.29
N ARG A 429 16.62 10.06 5.57
CA ARG A 429 17.65 9.13 5.19
C ARG A 429 17.08 7.86 4.57
N SER A 430 17.42 7.62 3.29
CA SER A 430 16.99 6.42 2.56
C SER A 430 17.87 5.17 2.80
N ALA A 431 17.30 4.01 2.48
CA ALA A 431 18.05 2.75 2.38
C ALA A 431 19.13 2.89 1.33
N GLY A 432 20.28 2.23 1.56
CA GLY A 432 21.51 2.40 0.76
C GLY A 432 22.20 3.76 0.79
N SER A 433 21.87 4.63 1.75
CA SER A 433 22.51 5.94 1.88
C SER A 433 22.98 6.10 3.32
N SER A 434 24.15 6.71 3.49
CA SER A 434 24.54 7.26 4.79
C SER A 434 24.19 8.76 4.90
N GLU A 435 23.82 9.40 3.80
CA GLU A 435 23.43 10.82 3.81
C GLU A 435 22.09 11.12 4.53
N TYR A 436 22.06 12.28 5.18
CA TYR A 436 20.87 12.84 5.80
C TYR A 436 20.51 14.06 4.98
N ASN A 437 19.29 14.10 4.45
CA ASN A 437 18.80 15.26 3.68
C ASN A 437 17.69 15.96 4.47
N TYR A 438 18.05 17.10 5.08
CA TYR A 438 17.14 17.91 5.91
C TYR A 438 16.60 19.04 5.06
N ASP A 439 16.88 19.00 3.77
CA ASP A 439 16.70 20.16 2.90
C ASP A 439 15.57 19.93 1.89
N ASN A 440 15.71 18.95 0.98
CA ASN A 440 14.68 18.64 -0.05
C ASN A 440 14.44 17.13 -0.28
N PRO A 441 14.22 16.37 0.82
CA PRO A 441 14.00 14.93 0.62
C PRO A 441 12.61 14.68 0.03
N VAL A 442 12.44 13.54 -0.63
CA VAL A 442 11.12 13.14 -1.07
C VAL A 442 10.29 12.84 0.17
N PHE A 443 9.02 13.22 0.10
CA PHE A 443 8.03 12.74 1.05
C PHE A 443 7.30 11.58 0.40
N ARG A 444 6.84 10.63 1.21
CA ARG A 444 5.97 9.55 0.76
C ARG A 444 5.26 8.89 1.94
N ASP A 445 4.58 7.75 1.73
CA ASP A 445 3.91 7.04 2.85
C ASP A 445 4.36 5.62 3.12
N VAL A 446 5.07 5.00 2.18
CA VAL A 446 5.72 3.72 2.42
C VAL A 446 7.19 3.84 2.09
N VAL A 447 8.06 3.35 2.97
CA VAL A 447 9.52 3.44 2.76
C VAL A 447 10.26 2.16 3.16
N SER A 448 11.10 1.65 2.26
CA SER A 448 11.96 0.49 2.57
C SER A 448 12.96 0.87 3.64
N THR A 449 13.01 0.06 4.70
CA THR A 449 13.99 0.23 5.80
C THR A 449 15.36 -0.44 5.58
N GLY A 450 15.51 -1.08 4.42
CA GLY A 450 16.81 -1.40 3.85
C GLY A 450 17.35 -2.66 4.47
N THR A 451 18.67 -2.80 4.43
CA THR A 451 19.36 -4.01 4.93
C THR A 451 20.34 -3.65 6.03
N PRO A 452 20.75 -4.67 6.83
CA PRO A 452 21.66 -4.37 7.93
C PRO A 452 22.76 -3.45 7.46
N GLY A 453 22.88 -2.31 8.16
CA GLY A 453 23.77 -1.21 7.81
C GLY A 453 23.05 0.10 7.53
N ASP A 454 21.80 0.01 7.09
CA ASP A 454 20.95 1.19 6.89
C ASP A 454 20.36 1.70 8.21
N ASN A 455 20.10 2.99 8.30
CA ASN A 455 19.27 3.51 9.41
C ASN A 455 18.25 4.46 8.85
N VAL A 456 17.24 3.87 8.21
CA VAL A 456 16.25 4.67 7.48
C VAL A 456 15.46 5.53 8.46
N THR A 457 15.32 6.81 8.14
CA THR A 457 14.83 7.76 9.12
C THR A 457 13.82 8.71 8.48
N ILE A 458 12.74 9.00 9.22
CA ILE A 458 11.61 9.78 8.69
C ILE A 458 11.16 10.91 9.65
N ARG A 459 10.59 11.98 9.08
CA ARG A 459 10.00 13.06 9.90
C ARG A 459 8.59 13.51 9.48
N PHE A 460 7.81 13.93 10.48
CA PHE A 460 6.48 14.49 10.24
C PHE A 460 5.96 15.30 11.44
N GLN A 461 5.03 16.21 11.13
CA GLN A 461 4.40 17.10 12.07
C GLN A 461 3.13 16.39 12.55
N THR A 462 2.82 16.41 13.85
CA THR A 462 1.56 15.80 14.38
C THR A 462 0.36 16.76 14.31
N ASN A 463 -0.28 16.79 13.16
CA ASN A 463 -1.33 17.75 12.89
C ASN A 463 -2.69 17.06 12.62
N ASN A 464 -2.81 15.82 13.11
CA ASN A 464 -3.92 14.93 12.74
C ASN A 464 -4.37 14.02 13.89
N PRO A 465 -5.19 14.56 14.77
CA PRO A 465 -5.49 13.84 16.00
C PRO A 465 -6.16 12.51 15.73
N GLY A 466 -5.71 11.51 16.48
CA GLY A 466 -6.25 10.17 16.46
C GLY A 466 -5.16 9.11 16.56
N PRO A 467 -5.55 7.83 16.70
CA PRO A 467 -4.60 6.72 16.64
C PRO A 467 -4.36 6.20 15.21
N TRP A 468 -3.10 6.19 14.78
CA TRP A 468 -2.72 5.81 13.41
C TRP A 468 -1.78 4.63 13.41
N PHE A 469 -2.04 3.58 12.61
CA PHE A 469 -1.13 2.41 12.61
C PHE A 469 0.26 2.74 12.00
N LEU A 470 1.29 2.14 12.57
CA LEU A 470 2.66 2.19 12.02
C LEU A 470 3.20 0.79 11.91
N HIS A 471 3.50 0.30 10.70
CA HIS A 471 3.89 -1.10 10.55
C HIS A 471 4.61 -1.43 9.25
N CYS A 472 5.21 -2.63 9.23
CA CYS A 472 5.77 -3.22 8.01
C CYS A 472 4.59 -3.61 7.16
N HIS A 473 4.63 -3.24 5.87
CA HIS A 473 3.52 -3.58 4.95
C HIS A 473 3.63 -4.97 4.32
N ILE A 474 4.62 -5.78 4.72
CA ILE A 474 4.58 -7.20 4.43
C ILE A 474 3.52 -7.78 5.35
N ASP A 475 2.46 -8.31 4.76
CA ASP A 475 1.24 -8.52 5.50
C ASP A 475 1.38 -9.64 6.51
N PHE A 476 2.30 -10.56 6.21
CA PHE A 476 2.57 -11.71 7.08
C PHE A 476 3.36 -11.28 8.31
N HIS A 477 4.18 -10.25 8.16
CA HIS A 477 4.91 -9.65 9.27
C HIS A 477 3.98 -8.81 10.18
N LEU A 478 3.06 -8.08 9.56
CA LEU A 478 2.04 -7.29 10.26
C LEU A 478 1.15 -8.22 11.07
N ASP A 479 0.72 -9.32 10.47
CA ASP A 479 -0.16 -10.25 11.16
C ASP A 479 0.57 -10.99 12.24
N ALA A 480 1.90 -10.94 12.21
CA ALA A 480 2.76 -11.50 13.25
C ALA A 480 3.28 -10.46 14.27
N GLY A 481 2.67 -9.27 14.28
CA GLY A 481 2.90 -8.25 15.31
C GLY A 481 3.90 -7.17 14.99
N PHE A 482 4.35 -7.04 13.75
CA PHE A 482 5.40 -6.07 13.45
C PHE A 482 4.71 -4.72 13.23
N ALA A 483 4.20 -4.16 14.34
CA ALA A 483 3.44 -2.91 14.32
C ALA A 483 3.41 -2.20 15.65
N VAL A 484 3.21 -0.90 15.58
CA VAL A 484 2.89 -0.10 16.76
C VAL A 484 1.79 0.86 16.35
N VAL A 485 1.25 1.56 17.34
CA VAL A 485 0.21 2.55 17.10
C VAL A 485 0.73 3.88 17.58
N MET A 486 0.64 4.91 16.73
CA MET A 486 0.91 6.32 17.10
C MET A 486 -0.38 7.06 17.43
N ALA A 487 -0.74 7.06 18.71
CA ALA A 487 -1.91 7.77 19.19
C ALA A 487 -1.52 9.21 19.38
N GLU A 488 -1.79 10.05 18.37
CA GLU A 488 -1.52 11.48 18.52
C GLU A 488 -2.74 12.21 19.02
N ASP A 489 -2.44 13.24 19.83
CA ASP A 489 -3.40 14.17 20.39
C ASP A 489 -4.63 13.45 20.99
N THR A 490 -4.35 12.62 21.97
CA THR A 490 -5.40 11.83 22.59
C THR A 490 -6.46 12.71 23.31
N PRO A 491 -6.07 13.88 23.87
CA PRO A 491 -7.08 14.76 24.48
C PRO A 491 -8.16 15.29 23.55
N ASP A 492 -7.76 15.74 22.35
CA ASP A 492 -8.71 16.19 21.31
C ASP A 492 -9.24 15.07 20.38
N THR A 493 -8.79 13.83 20.54
CA THR A 493 -9.20 12.75 19.64
C THR A 493 -10.72 12.62 19.60
N ALA A 494 -11.41 12.62 20.74
CA ALA A 494 -12.89 12.44 20.74
C ALA A 494 -13.61 13.52 19.96
N SER A 495 -13.30 14.77 20.27
CA SER A 495 -14.04 15.89 19.69
C SER A 495 -13.75 16.14 18.21
N VAL A 496 -12.54 15.81 17.78
CA VAL A 496 -12.12 16.05 16.40
C VAL A 496 -12.59 14.94 15.45
N ASN A 497 -12.86 13.75 16.00
CA ASN A 497 -13.27 12.58 15.21
C ASN A 497 -14.70 12.20 15.50
N GLN A 498 -15.60 13.08 15.11
CA GLN A 498 -17.01 12.79 15.40
C GLN A 498 -17.43 11.43 14.77
N VAL A 499 -17.82 10.49 15.60
CA VAL A 499 -18.14 9.09 15.21
C VAL A 499 -19.63 8.90 14.79
N PRO A 500 -19.93 8.08 13.79
CA PRO A 500 -21.35 7.81 13.40
C PRO A 500 -21.95 6.56 14.06
N GLN A 501 -23.27 6.47 14.17
CA GLN A 501 -23.83 5.43 15.01
C GLN A 501 -23.44 4.04 14.56
N SER A 502 -23.32 3.84 13.25
CA SER A 502 -22.96 2.52 12.72
C SER A 502 -21.56 2.08 13.08
N TRP A 503 -20.64 3.01 13.24
CA TRP A 503 -19.35 2.69 13.79
C TRP A 503 -19.50 2.18 15.24
N SER A 504 -20.33 2.87 16.03
CA SER A 504 -20.60 2.44 17.40
C SER A 504 -21.22 1.04 17.43
N ASP A 505 -22.07 0.75 16.43
CA ASP A 505 -22.77 -0.54 16.35
C ASP A 505 -21.89 -1.75 15.96
N LEU A 506 -20.67 -1.49 15.48
CA LEU A 506 -19.84 -2.54 14.91
C LEU A 506 -19.37 -3.56 15.93
N CYS A 507 -18.89 -3.03 17.07
CA CYS A 507 -18.27 -3.90 18.07
C CYS A 507 -19.28 -4.82 18.77
N PRO A 508 -20.46 -4.30 19.13
CA PRO A 508 -21.46 -5.22 19.65
C PRO A 508 -21.81 -6.35 18.65
N ILE A 509 -21.98 -6.02 17.36
CA ILE A 509 -22.30 -7.02 16.34
C ILE A 509 -21.18 -8.03 16.16
N TYR A 510 -19.95 -7.51 16.18
CA TYR A 510 -18.78 -8.35 16.00
C TYR A 510 -18.59 -9.25 17.22
N ASP A 511 -18.68 -8.67 18.43
CA ASP A 511 -18.45 -9.41 19.68
C ASP A 511 -19.47 -10.52 19.93
N ALA A 512 -20.65 -10.34 19.36
CA ALA A 512 -21.72 -11.33 19.37
C ALA A 512 -21.45 -12.55 18.48
N LEU A 513 -20.51 -12.44 17.54
CA LEU A 513 -20.30 -13.53 16.58
C LEU A 513 -19.71 -14.77 17.23
N ASP A 514 -20.11 -15.89 16.65
CA ASP A 514 -19.54 -17.19 16.95
C ASP A 514 -18.11 -17.26 16.34
N PRO A 515 -17.14 -17.93 17.02
CA PRO A 515 -15.78 -18.09 16.43
C PRO A 515 -15.70 -18.60 14.95
N SER A 516 -16.63 -19.48 14.56
CA SER A 516 -16.72 -20.02 13.18
C SER A 516 -17.29 -19.04 12.14
N ASP A 517 -17.95 -17.97 12.61
CA ASP A 517 -18.52 -16.95 11.72
C ASP A 517 -17.60 -15.74 11.52
N LEU A 518 -16.43 -15.77 12.15
CA LEU A 518 -15.41 -14.78 11.86
C LEU A 518 -14.83 -14.95 10.42
C1 NAG B . -12.85 -21.64 1.41
C2 NAG B . -13.11 -22.77 0.43
C3 NAG B . -11.97 -23.78 0.48
C4 NAG B . -10.63 -23.08 0.31
C5 NAG B . -10.50 -21.90 1.27
C6 NAG B . -9.22 -21.13 1.03
C7 NAG B . -15.40 -23.49 -0.17
C8 NAG B . -16.63 -24.19 0.29
N2 NAG B . -14.39 -23.42 0.72
O3 NAG B . -12.13 -24.75 -0.56
O4 NAG B . -9.57 -23.98 0.58
O5 NAG B . -11.61 -21.02 1.11
O6 NAG B . -9.18 -20.66 -0.32
O7 NAG B . -15.31 -22.99 -1.30
C1 NAG B . -9.28 -24.95 -0.42
C2 NAG B . -7.81 -24.79 -0.79
C3 NAG B . -7.32 -25.97 -1.61
C4 NAG B . -7.69 -27.28 -0.94
C5 NAG B . -9.17 -27.32 -0.53
C6 NAG B . -9.46 -28.57 0.26
C7 NAG B . -6.61 -22.73 -1.28
C8 NAG B . -6.50 -21.55 -2.19
N2 NAG B . -7.62 -23.57 -1.55
O3 NAG B . -5.91 -25.88 -1.72
O4 NAG B . -7.42 -28.36 -1.83
O5 NAG B . -9.48 -26.18 0.26
O6 NAG B . -10.65 -28.38 1.01
O7 NAG B . -5.82 -22.92 -0.34
C1 BMA B . -6.49 -29.21 -1.14
C2 BMA B . -6.44 -30.58 -1.80
C3 BMA B . -5.47 -31.47 -1.02
C4 BMA B . -4.10 -30.79 -0.95
C5 BMA B . -4.26 -29.41 -0.31
C6 BMA B . -2.93 -28.69 -0.20
O2 BMA B . -6.03 -30.47 -3.16
O3 BMA B . -5.37 -32.76 -1.65
O4 BMA B . -3.20 -31.59 -0.18
O5 BMA B . -5.17 -28.63 -1.09
O6 BMA B . -2.24 -28.77 -1.45
C1 MAN B . -0.81 -28.55 -1.46
C2 MAN B . -0.43 -28.55 -2.94
C3 MAN B . 0.32 -29.82 -3.32
C4 MAN B . 1.56 -29.99 -2.45
C5 MAN B . 1.31 -29.61 -0.99
C6 MAN B . 1.96 -28.29 -0.60
O2 MAN B . 0.36 -27.40 -3.25
O3 MAN B . 0.68 -29.76 -4.71
O4 MAN B . 2.02 -31.34 -2.52
O5 MAN B . -0.11 -29.56 -0.74
O6 MAN B . 3.24 -28.54 0.00
C1 MAN B . -0.09 -30.42 -5.76
C2 MAN B . 0.27 -29.70 -7.07
C3 MAN B . -0.94 -28.95 -7.63
C4 MAN B . -2.10 -29.90 -7.87
C5 MAN B . -2.27 -30.87 -6.70
C6 MAN B . -1.84 -32.29 -7.08
O2 MAN B . 0.76 -30.65 -8.02
O3 MAN B . -0.58 -28.29 -8.85
O4 MAN B . -3.31 -29.14 -8.06
O5 MAN B . -1.52 -30.42 -5.57
O6 MAN B . -2.88 -32.91 -7.84
C1 BMA B . -5.37 -33.71 -0.56
C2 BMA B . -6.68 -34.49 -0.46
C3 BMA B . -6.63 -35.53 0.67
C4 BMA B . -5.28 -36.27 0.75
C5 BMA B . -4.10 -35.31 0.58
C6 BMA B . -2.75 -36.01 0.57
O2 BMA B . -6.97 -35.13 -1.71
O3 BMA B . -7.68 -36.49 0.47
O4 BMA B . -5.18 -36.93 2.02
O5 BMA B . -4.27 -34.61 -0.64
O6 BMA B . -2.79 -37.20 1.39
C1 NAG C . -2.06 22.17 14.89
C2 NAG C . -3.36 22.36 15.69
C3 NAG C . -4.43 23.22 14.98
C4 NAG C . -3.87 24.31 14.08
C5 NAG C . -2.67 23.82 13.31
C6 NAG C . -2.07 24.90 12.40
C7 NAG C . -4.79 20.86 17.01
C8 NAG C . -5.36 19.49 17.12
N2 NAG C . -3.95 21.05 15.98
O3 NAG C . -5.30 23.80 15.96
O4 NAG C . -4.91 24.74 13.16
O5 NAG C . -1.70 23.39 14.24
O6 NAG C . -1.50 25.94 13.19
O7 NAG C . -5.05 21.76 17.80
C1 NAG C . -5.05 26.18 13.01
C2 NAG C . -5.85 26.56 11.76
C3 NAG C . -5.89 28.08 11.57
C4 NAG C . -6.09 28.87 12.88
C5 NAG C . -5.34 28.24 14.07
C6 NAG C . -5.74 28.90 15.40
C7 NAG C . -5.77 24.86 9.96
C8 NAG C . -5.00 24.36 8.77
N2 NAG C . -5.24 25.94 10.58
O3 NAG C . -6.93 28.41 10.64
O4 NAG C . -5.60 30.22 12.68
O5 NAG C . -5.61 26.85 14.12
O6 NAG C . -7.01 28.43 15.81
O7 NAG C . -6.83 24.35 10.32
C1 BMA C . -6.48 31.38 12.62
C2 BMA C . -7.68 31.20 11.68
C3 BMA C . -8.50 32.48 11.62
C4 BMA C . -8.87 32.91 13.05
C5 BMA C . -7.60 33.06 13.87
C6 BMA C . -7.88 33.58 15.28
O2 BMA C . -8.50 30.12 12.10
O3 BMA C . -9.67 32.30 10.81
O4 BMA C . -9.60 34.14 13.02
O5 BMA C . -6.93 31.81 13.92
O6 BMA C . -9.29 33.57 15.56
C1 BMA C . -9.58 33.43 9.90
C2 BMA C . -8.81 33.18 8.62
C3 BMA C . -8.29 34.52 8.11
C4 BMA C . -9.43 35.54 8.00
C5 BMA C . -10.38 35.51 9.21
C6 BMA C . -11.64 36.32 8.92
O3 BMA C . -7.68 34.36 6.83
O4 BMA C . -8.85 36.85 7.91
O5 BMA C . -10.74 34.16 9.53
O6 BMA C . -11.36 37.71 9.04
C1 MAN C . -6.25 34.13 6.92
C2 MAN C . -5.48 35.19 6.15
C3 MAN C . -4.36 34.56 5.33
C4 MAN C . -3.61 33.50 6.13
C5 MAN C . -4.58 32.42 6.66
C6 MAN C . -4.37 32.15 8.15
O2 MAN C . -4.92 36.14 7.06
O3 MAN C . -3.45 35.59 4.91
O4 MAN C . -2.61 32.89 5.32
O5 MAN C . -5.94 32.82 6.43
O6 MAN C . -3.08 31.54 8.36
C1 BMA C . -12.47 38.61 9.30
C2 BMA C . -12.06 40.07 9.03
C3 BMA C . -11.94 40.34 7.53
C4 BMA C . -12.37 39.11 6.71
C5 BMA C . -13.70 38.52 7.20
C6 BMA C . -13.97 37.16 6.55
O2 BMA C . -10.83 40.36 9.71
O3 BMA C . -10.59 40.68 7.18
O4 BMA C . -12.50 39.51 5.34
O5 BMA C . -13.71 38.35 8.63
O6 BMA C . -15.22 37.17 5.84
C1 NAG D . 19.71 5.12 14.17
C2 NAG D . 20.68 4.55 15.20
C3 NAG D . 20.32 4.96 16.62
C4 NAG D . 20.04 6.46 16.70
C5 NAG D . 19.03 6.86 15.63
C6 NAG D . 18.68 8.33 15.69
C7 NAG D . 21.72 2.44 14.48
C8 NAG D . 21.67 0.93 14.53
N2 NAG D . 20.73 3.08 15.13
O3 NAG D . 21.39 4.63 17.50
O4 NAG D . 19.52 6.76 18.02
O5 NAG D . 19.56 6.55 14.35
O6 NAG D . 19.84 9.08 15.42
O7 NAG D . 22.60 3.03 13.85
C1 NAG D . 20.24 7.76 18.75
C2 NAG D . 19.54 7.89 20.09
C3 NAG D . 20.16 9.01 20.92
C4 NAG D . 21.66 8.81 21.03
C5 NAG D . 22.28 8.55 19.65
C6 NAG D . 23.77 8.22 19.77
C7 NAG D . 17.15 7.30 20.31
C8 NAG D . 17.60 6.01 20.99
N2 NAG D . 18.12 8.15 19.89
O3 NAG D . 19.59 9.02 22.23
O4 NAG D . 22.24 10.00 21.61
O5 NAG D . 21.61 7.46 19.00
O6 NAG D . 24.03 6.99 19.09
O7 NAG D . 15.98 7.58 20.17
C1 BMA D . 22.61 9.96 23.01
C2 BMA D . 24.10 10.22 23.01
C3 BMA D . 24.64 10.46 24.42
C4 BMA D . 23.56 10.22 25.49
C5 BMA D . 22.22 10.90 25.19
C6 BMA D . 22.17 12.31 25.78
O2 BMA D . 24.38 11.37 22.19
O3 BMA D . 25.17 11.80 24.54
O4 BMA D . 23.35 8.81 25.64
O5 BMA D . 21.96 10.97 23.78
O6 BMA D . 21.01 12.45 26.61
C1 MAN D . 26.64 11.96 24.53
C2 MAN D . 27.26 11.65 23.17
C3 MAN D . 28.68 11.10 23.33
C4 MAN D . 29.38 11.81 24.48
C5 MAN D . 28.63 11.55 25.80
C6 MAN D . 28.69 12.77 26.71
O2 MAN D . 27.29 12.83 22.36
O3 MAN D . 29.42 11.31 22.11
O4 MAN D . 30.73 11.34 24.59
O5 MAN D . 27.27 11.18 25.55
O6 MAN D . 28.95 12.37 28.06
CU CU E . -1.84 -0.30 7.60
CU CU F . -1.83 -0.16 2.85
CU CU G . -2.13 2.83 5.02
CU CU H . 8.50 -6.93 7.45
O1 PER I . -1.79 -1.30 5.72
O2 PER I . -1.82 0.16 5.45
#